data_3IQA
#
_entry.id   3IQA
#
_cell.length_a   49.989
_cell.length_b   68.068
_cell.length_c   75.792
_cell.angle_alpha   90.00
_cell.angle_beta   90.00
_cell.angle_gamma   90.00
#
_symmetry.space_group_name_H-M   'P 21 21 21'
#
loop_
_entity.id
_entity.type
_entity.pdbx_description
1 polymer Beta-lactamase
2 non-polymer 'PHOSPHATE ION'
3 non-polymer '(2S,3R,4S)-2-[(2S,3R)-3-hydroxy-1-oxobutan-2-yl]-3-methyl-4-({(3S,5S)-5-[(sulfamoylamino)methyl]pyrrolidin-3-yl}sulfanyl)-3,4-dihydro-2H-pyrrole-5-carboxylic acid'
4 water water
#
_entity_poly.entity_id   1
_entity_poly.type   'polypeptide(L)'
_entity_poly.pdbx_seq_one_letter_code
;DLADRFAELERRYDARLGVYVPATGTTAAIEYRADERFAFCSTFKAPLVAAVLHQNPLTHLDKLITYTSDDIRSISPVAQ
QHVQTGMTIGQLCDAAIRYSDGTAANLLLADLGGPGGGTAAFTGYLRSLGDTVSRLDAEEPELNRDPPGDERDTTTPHAI
ALVLQQLVLGNALPPDKRALLTDWMARNTTGAKRIRAGFPADWKVIDKTGTGDYGRANDIAVVWSPTGVPYVVAVMSDRA
GGGYDAEPREALLAEAATCVAGVLA
;
_entity_poly.pdbx_strand_id   A
#
loop_
_chem_comp.id
_chem_comp.type
_chem_comp.name
_chem_comp.formula
DRW non-polymer '(2S,3R,4S)-2-[(2S,3R)-3-hydroxy-1-oxobutan-2-yl]-3-methyl-4-({(3S,5S)-5-[(sulfamoylamino)methyl]pyrrolidin-3-yl}sulfanyl)-3,4-dihydro-2H-pyrrole-5-carboxylic acid' 'C15 H26 N4 O6 S2'
PO4 non-polymer 'PHOSPHATE ION' 'O4 P -3'
#
# COMPACT_ATOMS: atom_id res chain seq x y z
N ASP A 1 -0.71 28.09 -2.36
CA ASP A 1 -0.13 27.19 -3.40
C ASP A 1 0.15 25.81 -2.80
N LEU A 2 -0.29 24.77 -3.49
CA LEU A 2 -0.18 23.40 -3.00
C LEU A 2 1.27 22.92 -2.92
N ALA A 3 2.04 23.16 -3.98
CA ALA A 3 3.45 22.77 -4.04
C ALA A 3 4.26 23.43 -2.92
N ASP A 4 3.99 24.70 -2.66
CA ASP A 4 4.63 25.46 -1.58
C ASP A 4 4.33 24.88 -0.20
N ARG A 5 3.10 24.44 -0.01
CA ARG A 5 2.67 23.79 1.22
C ARG A 5 3.36 22.44 1.41
N PHE A 6 3.42 21.63 0.36
CA PHE A 6 4.13 20.35 0.42
C PHE A 6 5.62 20.54 0.78
N ALA A 7 6.26 21.54 0.18
CA ALA A 7 7.66 21.85 0.49
C ALA A 7 7.87 22.28 1.94
N GLU A 8 6.90 23.02 2.50
CA GLU A 8 6.92 23.43 3.90
C GLU A 8 6.89 22.22 4.81
N LEU A 9 5.99 21.28 4.50
CA LEU A 9 5.89 20.02 5.23
C LEU A 9 7.21 19.24 5.21
N GLU A 10 7.89 19.23 4.06
CA GLU A 10 9.19 18.59 3.92
C GLU A 10 10.26 19.20 4.85
N ARG A 11 10.26 20.53 4.97
CA ARG A 11 11.18 21.18 5.91
C ARG A 11 10.81 20.90 7.36
N ARG A 12 9.51 20.90 7.66
CA ARG A 12 9.02 20.65 9.03
C ARG A 12 9.44 19.28 9.55
N TYR A 13 9.37 18.28 8.68
CA TYR A 13 9.66 16.90 9.06
C TYR A 13 11.04 16.36 8.58
N ASP A 14 11.87 17.24 8.00
CA ASP A 14 13.14 16.82 7.37
C ASP A 14 12.89 15.55 6.56
N ALA A 15 11.98 15.66 5.61
CA ALA A 15 11.50 14.51 4.86
C ALA A 15 11.44 14.78 3.36
N ARG A 16 11.31 13.70 2.60
CA ARG A 16 10.98 13.79 1.20
C ARG A 16 9.55 13.25 1.05
N LEU A 17 8.71 14.02 0.37
CA LEU A 17 7.29 13.73 0.25
C LEU A 17 6.83 13.57 -1.21
N GLY A 18 6.08 12.50 -1.47
CA GLY A 18 5.48 12.25 -2.78
C GLY A 18 3.98 12.13 -2.69
N VAL A 19 3.27 12.82 -3.59
CA VAL A 19 1.81 12.84 -3.58
C VAL A 19 1.30 12.65 -5.01
N TYR A 20 0.31 11.77 -5.19
CA TYR A 20 -0.41 11.70 -6.46
C TYR A 20 -1.90 11.45 -6.30
N VAL A 21 -2.71 12.29 -6.93
CA VAL A 21 -4.14 12.09 -7.09
C VAL A 21 -4.44 12.15 -8.59
N PRO A 22 -4.90 11.04 -9.20
CA PRO A 22 -5.22 11.05 -10.63
C PRO A 22 -6.35 12.02 -10.97
N ALA A 23 -6.29 12.57 -12.18
CA ALA A 23 -7.32 13.45 -12.71
C ALA A 23 -8.65 12.72 -12.83
N THR A 24 -9.73 13.47 -12.60
CA THR A 24 -11.09 12.96 -12.80
C THR A 24 -11.83 13.80 -13.83
N GLY A 25 -13.16 13.74 -13.76
CA GLY A 25 -14.01 14.57 -14.60
C GLY A 25 -13.55 16.02 -14.62
N THR A 26 -13.58 16.64 -13.45
CA THR A 26 -13.42 18.09 -13.34
C THR A 26 -12.24 18.55 -12.49
N THR A 27 -11.50 17.59 -11.93
CA THR A 27 -10.30 17.92 -11.15
C THR A 27 -9.06 17.48 -11.89
N ALA A 28 -8.07 18.37 -11.92
CA ALA A 28 -6.76 18.04 -12.46
C ALA A 28 -6.03 17.10 -11.49
N ALA A 29 -5.09 16.33 -12.03
CA ALA A 29 -4.19 15.52 -11.23
C ALA A 29 -3.42 16.40 -10.24
N ILE A 30 -3.32 15.93 -9.00
CA ILE A 30 -2.45 16.53 -8.01
C ILE A 30 -1.15 15.72 -8.00
N GLU A 31 -0.02 16.39 -8.17
CA GLU A 31 1.27 15.73 -8.19
C GLU A 31 2.40 16.51 -7.51
N TYR A 32 3.12 15.84 -6.62
CA TYR A 32 4.31 16.39 -5.98
C TYR A 32 5.34 15.26 -5.86
N ARG A 33 6.48 15.42 -6.54
CA ARG A 33 7.51 14.37 -6.62
C ARG A 33 6.88 13.03 -7.01
N ALA A 34 5.81 13.09 -7.79
CA ALA A 34 4.95 11.92 -8.05
C ALA A 34 5.61 10.83 -8.89
N ASP A 35 6.69 11.18 -9.59
CA ASP A 35 7.43 10.20 -10.40
C ASP A 35 8.78 9.81 -9.79
N GLU A 36 9.02 10.26 -8.56
CA GLU A 36 10.19 9.81 -7.80
C GLU A 36 9.92 8.44 -7.22
N ARG A 37 10.96 7.61 -7.17
CA ARG A 37 10.84 6.31 -6.53
C ARG A 37 10.82 6.46 -5.02
N PHE A 38 9.88 5.74 -4.38
CA PHE A 38 9.85 5.53 -2.94
C PHE A 38 9.68 4.04 -2.71
N ALA A 39 10.25 3.54 -1.62
CA ALA A 39 10.00 2.15 -1.22
C ALA A 39 8.51 1.86 -1.11
N PHE A 40 8.09 0.71 -1.65
CA PHE A 40 6.76 0.14 -1.41
C PHE A 40 6.41 0.06 0.08
N CYS A 41 7.33 -0.49 0.88
CA CYS A 41 6.99 -1.02 2.19
C CYS A 41 5.72 -1.89 2.07
N SER A 42 4.86 -1.91 3.04
CA SER A 42 3.73 -2.81 3.05
C SER A 42 2.57 -2.46 2.03
N THR A 43 2.72 -1.35 1.28
CA THR A 43 1.69 -0.98 0.32
C THR A 43 1.52 -2.01 -0.79
N PHE A 44 2.58 -2.80 -1.04
CA PHE A 44 2.55 -3.84 -2.07
C PHE A 44 1.52 -4.93 -1.78
N LYS A 45 1.12 -5.04 -0.51
CA LYS A 45 0.20 -6.09 -0.08
C LYS A 45 -1.21 -5.93 -0.66
N ALA A 46 -1.57 -4.71 -1.04
CA ALA A 46 -2.85 -4.47 -1.70
C ALA A 46 -2.91 -5.16 -3.09
N PRO A 47 -2.00 -4.78 -4.03
CA PRO A 47 -1.91 -5.52 -5.31
C PRO A 47 -1.48 -6.99 -5.20
N LEU A 48 -0.83 -7.38 -4.12
CA LEU A 48 -0.49 -8.80 -3.89
C LEU A 48 -1.77 -9.62 -3.70
N VAL A 49 -2.66 -9.15 -2.82
CA VAL A 49 -3.94 -9.82 -2.58
C VAL A 49 -4.77 -9.86 -3.88
N ALA A 50 -4.72 -8.79 -4.67
CA ALA A 50 -5.40 -8.74 -5.96
C ALA A 50 -4.84 -9.80 -6.93
N ALA A 51 -3.51 -9.92 -6.96
CA ALA A 51 -2.82 -10.95 -7.74
C ALA A 51 -3.26 -12.36 -7.36
N VAL A 52 -3.28 -12.64 -6.05
CA VAL A 52 -3.72 -13.93 -5.53
C VAL A 52 -5.20 -14.20 -5.85
N LEU A 53 -6.08 -13.22 -5.59
CA LEU A 53 -7.48 -13.31 -6.01
C LEU A 53 -7.65 -13.60 -7.51
N HIS A 54 -6.98 -12.80 -8.36
CA HIS A 54 -7.10 -12.96 -9.81
C HIS A 54 -6.66 -14.36 -10.31
N GLN A 55 -5.60 -14.88 -9.71
CA GLN A 55 -4.94 -16.10 -10.17
C GLN A 55 -5.73 -17.39 -9.90
N ASN A 56 -6.69 -17.33 -8.97
CA ASN A 56 -7.36 -18.54 -8.47
C ASN A 56 -8.88 -18.46 -8.46
N PRO A 57 -9.56 -19.63 -8.42
CA PRO A 57 -10.99 -19.64 -8.10
C PRO A 57 -11.22 -19.05 -6.71
N LEU A 58 -12.38 -18.44 -6.52
CA LEU A 58 -12.70 -17.78 -5.27
C LEU A 58 -12.60 -18.71 -4.05
N THR A 59 -12.90 -20.00 -4.24
CA THR A 59 -12.85 -20.95 -3.11
C THR A 59 -11.44 -21.42 -2.69
N HIS A 60 -10.42 -20.91 -3.40
CA HIS A 60 -9.02 -21.02 -2.96
C HIS A 60 -8.82 -20.29 -1.64
N LEU A 61 -9.70 -19.32 -1.36
CA LEU A 61 -9.71 -18.58 -0.10
C LEU A 61 -9.87 -19.49 1.12
N ASP A 62 -10.40 -20.70 0.88
CA ASP A 62 -10.69 -21.66 1.93
C ASP A 62 -9.60 -22.72 2.11
N LYS A 63 -8.58 -22.65 1.27
CA LYS A 63 -7.42 -23.54 1.38
C LYS A 63 -6.58 -23.18 2.61
N LEU A 64 -6.29 -24.20 3.43
CA LEU A 64 -5.47 -24.01 4.61
C LEU A 64 -3.98 -24.02 4.28
N ILE A 65 -3.26 -23.05 4.82
CA ILE A 65 -1.81 -22.93 4.65
C ILE A 65 -1.17 -23.18 6.02
N THR A 66 -0.20 -24.09 6.07
CA THR A 66 0.55 -24.32 7.32
C THR A 66 1.97 -23.74 7.24
N TYR A 67 2.50 -23.35 8.40
CA TYR A 67 3.79 -22.69 8.51
C TYR A 67 4.29 -22.85 9.94
N THR A 68 5.56 -22.51 10.20
CA THR A 68 6.17 -22.71 11.53
C THR A 68 7.01 -21.55 12.08
N SER A 69 7.84 -21.91 13.07
CA SER A 69 8.68 -20.96 13.80
C SER A 69 9.57 -20.14 12.90
N ASP A 70 10.28 -20.82 11.99
CA ASP A 70 11.24 -20.14 11.11
C ASP A 70 10.59 -19.27 10.01
N ASP A 71 9.26 -19.29 9.94
CA ASP A 71 8.47 -18.47 9.00
C ASP A 71 8.12 -17.09 9.56
N ILE A 72 8.33 -16.89 10.86
CA ILE A 72 8.04 -15.61 11.52
C ILE A 72 9.33 -14.79 11.66
N ARG A 73 9.51 -13.86 10.72
CA ARG A 73 10.77 -13.13 10.53
C ARG A 73 10.54 -11.63 10.47
N SER A 74 9.29 -11.20 10.70
CA SER A 74 8.88 -9.79 10.62
C SER A 74 7.62 -9.56 11.44
N ILE A 75 7.21 -8.30 11.58
CA ILE A 75 5.98 -7.92 12.32
C ILE A 75 4.76 -8.67 11.75
N SER A 76 4.15 -9.50 12.61
CA SER A 76 3.08 -10.42 12.19
C SER A 76 2.03 -10.63 13.30
N PRO A 77 1.20 -9.61 13.57
CA PRO A 77 0.31 -9.64 14.73
C PRO A 77 -0.70 -10.79 14.69
N VAL A 78 -1.09 -11.21 13.48
CA VAL A 78 -2.05 -12.30 13.33
C VAL A 78 -1.34 -13.65 13.21
N ALA A 79 -0.42 -13.77 12.27
CA ALA A 79 0.23 -15.05 11.99
C ALA A 79 0.98 -15.67 13.18
N GLN A 80 1.41 -14.83 14.13
CA GLN A 80 2.04 -15.35 15.35
C GLN A 80 1.02 -16.04 16.26
N GLN A 81 -0.23 -15.57 16.26
CA GLN A 81 -1.32 -16.18 17.03
C GLN A 81 -1.83 -17.51 16.44
N HIS A 82 -1.47 -17.81 15.20
CA HIS A 82 -2.08 -18.95 14.47
C HIS A 82 -1.08 -19.95 13.94
N VAL A 83 0.17 -19.85 14.38
CA VAL A 83 1.23 -20.73 13.90
C VAL A 83 0.93 -22.21 14.19
N GLN A 84 0.32 -22.46 15.34
CA GLN A 84 -0.05 -23.83 15.75
C GLN A 84 -1.13 -24.46 14.85
N THR A 85 -2.08 -23.65 14.38
CA THR A 85 -3.26 -24.15 13.65
C THR A 85 -3.21 -24.00 12.11
N GLY A 86 -2.44 -23.02 11.63
CA GLY A 86 -2.45 -22.68 10.21
C GLY A 86 -3.44 -21.56 9.93
N MET A 87 -3.40 -21.04 8.71
CA MET A 87 -4.32 -19.99 8.31
C MET A 87 -4.77 -20.25 6.88
N THR A 88 -6.05 -20.05 6.61
CA THR A 88 -6.56 -20.15 5.24
C THR A 88 -6.01 -18.97 4.42
N ILE A 89 -6.01 -19.10 3.10
CA ILE A 89 -5.65 -18.01 2.19
C ILE A 89 -6.46 -16.71 2.45
N GLY A 90 -7.76 -16.87 2.73
CA GLY A 90 -8.64 -15.76 3.09
C GLY A 90 -8.22 -15.06 4.37
N GLN A 91 -7.87 -15.84 5.39
CA GLN A 91 -7.30 -15.31 6.64
C GLN A 91 -5.98 -14.56 6.44
N LEU A 92 -5.12 -15.10 5.57
CA LEU A 92 -3.85 -14.47 5.21
C LEU A 92 -4.03 -13.14 4.47
N CYS A 93 -4.99 -13.09 3.56
CA CYS A 93 -5.35 -11.84 2.86
C CYS A 93 -5.87 -10.79 3.83
N ASP A 94 -6.77 -11.21 4.72
CA ASP A 94 -7.33 -10.34 5.74
C ASP A 94 -6.22 -9.73 6.62
N ALA A 95 -5.31 -10.58 7.08
CA ALA A 95 -4.20 -10.16 7.95
C ALA A 95 -3.19 -9.26 7.24
N ALA A 96 -2.86 -9.60 6.00
CA ALA A 96 -1.91 -8.80 5.20
C ALA A 96 -2.40 -7.36 5.00
N ILE A 97 -3.69 -7.22 4.69
CA ILE A 97 -4.28 -5.90 4.50
C ILE A 97 -4.61 -5.17 5.81
N ARG A 98 -5.35 -5.81 6.70
CA ARG A 98 -5.95 -5.11 7.83
C ARG A 98 -4.98 -4.90 9.00
N TYR A 99 -4.02 -5.80 9.15
CA TYR A 99 -3.02 -5.69 10.22
C TYR A 99 -1.62 -5.48 9.69
N SER A 100 -1.51 -5.48 8.36
CA SER A 100 -0.23 -5.38 7.65
C SER A 100 0.76 -6.46 8.13
N ASP A 101 0.25 -7.68 8.25
CA ASP A 101 1.01 -8.84 8.72
C ASP A 101 2.06 -9.19 7.66
N GLY A 102 3.31 -9.27 8.10
CA GLY A 102 4.44 -9.54 7.21
C GLY A 102 4.57 -11.00 6.77
N THR A 103 4.37 -11.93 7.71
CA THR A 103 4.38 -13.36 7.44
C THR A 103 3.27 -13.75 6.47
N ALA A 104 2.10 -13.14 6.63
CA ALA A 104 0.97 -13.33 5.73
C ALA A 104 1.35 -12.95 4.29
N ALA A 105 2.04 -11.81 4.13
CA ALA A 105 2.53 -11.35 2.83
C ALA A 105 3.52 -12.36 2.25
N ASN A 106 4.47 -12.82 3.06
CA ASN A 106 5.42 -13.85 2.63
C ASN A 106 4.74 -15.14 2.16
N LEU A 107 3.74 -15.59 2.90
CA LEU A 107 3.01 -16.82 2.56
C LEU A 107 2.16 -16.67 1.31
N LEU A 108 1.65 -15.46 1.09
CA LEU A 108 0.87 -15.15 -0.11
C LEU A 108 1.77 -15.03 -1.33
N LEU A 109 2.97 -14.48 -1.16
CA LEU A 109 3.99 -14.47 -2.23
C LEU A 109 4.34 -15.89 -2.70
N ALA A 110 4.59 -16.78 -1.73
CA ALA A 110 4.85 -18.21 -1.97
C ALA A 110 3.68 -18.90 -2.66
N ASP A 111 2.46 -18.48 -2.35
CA ASP A 111 1.27 -19.05 -2.96
C ASP A 111 1.17 -18.67 -4.44
N LEU A 112 1.56 -17.44 -4.74
CA LEU A 112 1.60 -16.95 -6.12
C LEU A 112 2.71 -17.66 -6.91
N GLY A 113 3.85 -17.91 -6.24
CA GLY A 113 4.88 -18.83 -6.73
C GLY A 113 5.81 -18.25 -7.77
N GLY A 114 6.64 -19.10 -8.34
CA GLY A 114 7.60 -18.69 -9.37
C GLY A 114 8.90 -18.18 -8.78
N PRO A 115 9.86 -17.77 -9.63
CA PRO A 115 11.17 -17.26 -9.20
C PRO A 115 11.07 -16.18 -8.13
N GLY A 116 12.11 -16.09 -7.28
CA GLY A 116 12.20 -15.04 -6.27
C GLY A 116 11.17 -15.14 -5.15
N GLY A 117 10.67 -16.35 -4.91
CA GLY A 117 9.68 -16.57 -3.84
C GLY A 117 8.34 -15.90 -4.07
N GLY A 118 8.05 -15.59 -5.34
CA GLY A 118 6.78 -14.96 -5.73
C GLY A 118 6.94 -13.50 -6.14
N THR A 119 8.12 -12.93 -5.93
CA THR A 119 8.35 -11.51 -6.20
C THR A 119 8.40 -11.17 -7.70
N ALA A 120 8.91 -12.08 -8.53
CA ALA A 120 8.86 -11.90 -9.99
C ALA A 120 7.42 -11.95 -10.53
N ALA A 121 6.63 -12.91 -10.06
CA ALA A 121 5.22 -13.02 -10.44
C ALA A 121 4.39 -11.84 -9.95
N PHE A 122 4.72 -11.32 -8.77
CA PHE A 122 4.08 -10.10 -8.27
C PHE A 122 4.33 -8.92 -9.20
N THR A 123 5.58 -8.76 -9.63
CA THR A 123 5.97 -7.67 -10.51
C THR A 123 5.30 -7.87 -11.87
N GLY A 124 5.27 -9.13 -12.33
CA GLY A 124 4.55 -9.51 -13.55
C GLY A 124 3.08 -9.10 -13.54
N TYR A 125 2.43 -9.21 -12.38
CA TYR A 125 1.03 -8.76 -12.22
C TYR A 125 0.88 -7.25 -12.45
N LEU A 126 1.79 -6.45 -11.88
CA LEU A 126 1.81 -5.00 -12.07
C LEU A 126 2.06 -4.64 -13.54
N ARG A 127 3.01 -5.34 -14.17
CA ARG A 127 3.23 -5.20 -15.62
C ARG A 127 1.93 -5.40 -16.41
N SER A 128 1.11 -6.40 -16.03
CA SER A 128 -0.15 -6.68 -16.73
C SER A 128 -1.19 -5.55 -16.59
N LEU A 129 -0.99 -4.71 -15.58
CA LEU A 129 -1.82 -3.54 -15.33
C LEU A 129 -1.20 -2.26 -15.91
N GLY A 130 -0.18 -2.42 -16.75
CA GLY A 130 0.44 -1.29 -17.46
C GLY A 130 1.47 -0.51 -16.65
N ASP A 131 1.84 -1.04 -15.49
CA ASP A 131 2.86 -0.43 -14.62
C ASP A 131 4.25 -0.95 -15.01
N THR A 132 5.04 -0.10 -15.66
CA THR A 132 6.38 -0.46 -16.11
C THR A 132 7.45 0.14 -15.19
N VAL A 133 7.00 0.73 -14.08
CA VAL A 133 7.88 1.43 -13.16
C VAL A 133 8.24 0.57 -11.92
N SER A 134 7.22 0.06 -11.23
CA SER A 134 7.39 -0.62 -9.94
C SER A 134 8.15 -1.93 -10.06
N ARG A 135 8.81 -2.34 -8.97
CA ARG A 135 9.49 -3.63 -8.89
C ARG A 135 9.54 -4.18 -7.47
N LEU A 136 9.32 -5.49 -7.32
CA LEU A 136 9.52 -6.13 -6.02
C LEU A 136 10.64 -7.14 -6.16
N ASP A 137 11.58 -7.10 -5.21
CA ASP A 137 12.83 -7.85 -5.35
C ASP A 137 13.05 -8.80 -4.19
N ALA A 138 12.50 -8.47 -3.04
CA ALA A 138 12.70 -9.25 -1.83
C ALA A 138 11.39 -9.39 -1.08
N GLU A 139 11.36 -10.28 -0.09
CA GLU A 139 10.17 -10.39 0.74
C GLU A 139 10.45 -9.80 2.13
N GLU A 140 9.51 -9.99 3.07
CA GLU A 140 9.70 -9.49 4.43
C GLU A 140 10.83 -10.29 5.13
N PRO A 141 11.67 -9.61 5.92
CA PRO A 141 11.72 -8.16 6.15
C PRO A 141 12.65 -7.34 5.22
N GLU A 142 13.35 -7.98 4.29
CA GLU A 142 14.36 -7.29 3.48
C GLU A 142 13.82 -6.17 2.59
N LEU A 143 12.57 -6.28 2.16
CA LEU A 143 12.00 -5.32 1.20
C LEU A 143 11.88 -3.89 1.73
N ASN A 144 11.96 -3.72 3.05
CA ASN A 144 11.87 -2.40 3.69
C ASN A 144 13.22 -1.74 3.99
N ARG A 145 14.30 -2.43 3.61
CA ARG A 145 15.65 -2.09 4.09
C ARG A 145 16.62 -1.47 3.08
N ASP A 146 16.22 -1.42 1.81
CA ASP A 146 17.11 -0.92 0.75
C ASP A 146 17.53 0.53 1.05
N PRO A 147 18.80 0.88 0.76
CA PRO A 147 19.25 2.25 0.97
C PRO A 147 18.37 3.27 0.22
N PRO A 148 18.25 4.51 0.74
CA PRO A 148 17.60 5.58 -0.02
C PRO A 148 18.25 5.75 -1.38
N GLY A 149 17.44 5.91 -2.42
CA GLY A 149 17.95 6.01 -3.81
C GLY A 149 17.96 4.69 -4.60
N ASP A 150 18.21 3.59 -3.90
CA ASP A 150 18.16 2.24 -4.48
C ASP A 150 16.79 1.98 -5.10
N GLU A 151 16.77 1.40 -6.30
CA GLU A 151 15.51 1.16 -7.03
C GLU A 151 14.82 -0.16 -6.67
N ARG A 152 15.53 -1.04 -5.96
CA ARG A 152 14.95 -2.28 -5.47
C ARG A 152 13.75 -1.99 -4.60
N ASP A 153 12.70 -2.80 -4.76
CA ASP A 153 11.48 -2.74 -3.93
C ASP A 153 10.78 -1.37 -3.92
N THR A 154 10.82 -0.66 -5.06
CA THR A 154 10.22 0.68 -5.16
C THR A 154 8.99 0.74 -6.07
N THR A 155 8.15 1.72 -5.80
CA THR A 155 7.11 2.20 -6.70
C THR A 155 7.22 3.73 -6.75
N THR A 156 6.24 4.39 -7.37
CA THR A 156 6.15 5.85 -7.30
C THR A 156 4.70 6.23 -6.92
N PRO A 157 4.50 7.41 -6.31
CA PRO A 157 3.12 7.78 -6.02
C PRO A 157 2.22 7.65 -7.26
N HIS A 158 2.74 8.07 -8.41
CA HIS A 158 2.02 8.03 -9.68
C HIS A 158 1.63 6.60 -10.09
N ALA A 159 2.62 5.71 -10.12
CA ALA A 159 2.40 4.34 -10.59
C ALA A 159 1.46 3.53 -9.69
N ILE A 160 1.63 3.64 -8.37
CA ILE A 160 0.80 2.91 -7.42
C ILE A 160 -0.65 3.43 -7.39
N ALA A 161 -0.83 4.73 -7.60
CA ALA A 161 -2.18 5.32 -7.67
C ALA A 161 -2.95 4.80 -8.89
N LEU A 162 -2.26 4.68 -10.01
CA LEU A 162 -2.91 4.13 -11.22
C LEU A 162 -3.25 2.65 -11.09
N VAL A 163 -2.36 1.88 -10.45
CA VAL A 163 -2.64 0.47 -10.11
C VAL A 163 -3.86 0.34 -9.20
N LEU A 164 -3.89 1.09 -8.09
CA LEU A 164 -5.02 1.04 -7.15
C LEU A 164 -6.33 1.47 -7.78
N GLN A 165 -6.26 2.48 -8.65
CA GLN A 165 -7.45 2.92 -9.41
C GLN A 165 -8.05 1.76 -10.20
N GLN A 166 -7.22 1.04 -10.96
CA GLN A 166 -7.71 -0.09 -11.75
C GLN A 166 -8.28 -1.19 -10.88
N LEU A 167 -7.61 -1.47 -9.76
CA LEU A 167 -8.04 -2.53 -8.83
C LEU A 167 -9.41 -2.27 -8.16
N VAL A 168 -9.61 -1.04 -7.67
CA VAL A 168 -10.78 -0.69 -6.86
C VAL A 168 -11.90 -0.08 -7.69
N LEU A 169 -11.55 0.84 -8.58
CA LEU A 169 -12.52 1.59 -9.37
C LEU A 169 -12.73 1.03 -10.78
N GLY A 170 -11.68 0.47 -11.38
CA GLY A 170 -11.76 -0.11 -12.71
C GLY A 170 -12.04 -1.60 -12.71
N ASN A 171 -11.75 -2.25 -13.84
CA ASN A 171 -12.14 -3.64 -14.09
C ASN A 171 -10.97 -4.64 -14.12
N ALA A 172 -9.91 -4.35 -13.35
CA ALA A 172 -8.78 -5.26 -13.22
C ALA A 172 -9.23 -6.61 -12.61
N LEU A 173 -10.16 -6.56 -11.65
CA LEU A 173 -10.75 -7.77 -11.07
C LEU A 173 -12.24 -7.85 -11.41
N PRO A 174 -12.80 -9.09 -11.45
CA PRO A 174 -14.26 -9.24 -11.55
C PRO A 174 -14.95 -8.69 -10.29
N PRO A 175 -16.21 -8.22 -10.39
CA PRO A 175 -16.89 -7.57 -9.26
C PRO A 175 -16.83 -8.30 -7.90
N ASP A 176 -16.94 -9.62 -7.91
CA ASP A 176 -16.90 -10.38 -6.66
C ASP A 176 -15.54 -10.37 -5.95
N LYS A 177 -14.45 -10.50 -6.71
CA LYS A 177 -13.09 -10.38 -6.17
C LYS A 177 -12.72 -8.92 -5.84
N ARG A 178 -13.22 -7.99 -6.66
CA ARG A 178 -13.05 -6.55 -6.40
C ARG A 178 -13.65 -6.15 -5.05
N ALA A 179 -14.83 -6.72 -4.75
CA ALA A 179 -15.53 -6.43 -3.48
C ALA A 179 -14.78 -6.96 -2.26
N LEU A 180 -14.14 -8.12 -2.39
CA LEU A 180 -13.32 -8.68 -1.31
C LEU A 180 -12.13 -7.78 -1.00
N LEU A 181 -11.43 -7.32 -2.05
CA LEU A 181 -10.29 -6.42 -1.89
C LEU A 181 -10.70 -5.09 -1.27
N THR A 182 -11.80 -4.53 -1.76
CA THR A 182 -12.33 -3.27 -1.27
C THR A 182 -12.73 -3.34 0.19
N ASP A 183 -13.47 -4.39 0.58
CA ASP A 183 -13.92 -4.56 1.97
C ASP A 183 -12.76 -4.69 2.96
N TRP A 184 -11.74 -5.49 2.62
CA TRP A 184 -10.54 -5.59 3.47
C TRP A 184 -9.87 -4.23 3.70
N MET A 185 -9.66 -3.47 2.63
CA MET A 185 -9.06 -2.13 2.74
C MET A 185 -9.96 -1.19 3.54
N ALA A 186 -11.28 -1.34 3.38
CA ALA A 186 -12.27 -0.59 4.16
C ALA A 186 -12.18 -0.87 5.65
N ARG A 187 -11.76 -2.08 6.00
CA ARG A 187 -11.70 -2.51 7.40
C ARG A 187 -10.28 -2.47 7.94
N ASN A 188 -9.40 -1.74 7.25
CA ASN A 188 -8.03 -1.54 7.70
C ASN A 188 -7.96 -0.95 9.10
N THR A 189 -7.06 -1.50 9.94
CA THR A 189 -6.92 -1.05 11.34
C THR A 189 -5.71 -0.14 11.54
N THR A 190 -4.86 -0.03 10.52
CA THR A 190 -3.56 0.64 10.69
C THR A 190 -3.48 2.09 10.18
N GLY A 191 -4.57 2.59 9.59
CA GLY A 191 -4.53 3.85 8.83
C GLY A 191 -5.20 5.09 9.41
N ALA A 192 -5.61 5.01 10.68
CA ALA A 192 -6.36 6.10 11.34
C ALA A 192 -5.63 7.45 11.40
N LYS A 193 -4.30 7.42 11.44
CA LYS A 193 -3.52 8.64 11.61
C LYS A 193 -2.84 9.14 10.32
N ARG A 194 -3.27 8.59 9.19
CA ARG A 194 -2.65 8.93 7.91
C ARG A 194 -3.65 9.60 6.98
N ILE A 195 -3.97 9.02 5.82
CA ILE A 195 -4.94 9.68 4.92
C ILE A 195 -6.32 9.88 5.59
N ARG A 196 -6.79 8.89 6.35
CA ARG A 196 -8.03 9.03 7.14
C ARG A 196 -8.12 10.31 7.98
N ALA A 197 -7.02 10.71 8.62
CA ALA A 197 -6.97 11.91 9.46
C ALA A 197 -7.09 13.24 8.69
N GLY A 198 -6.80 13.22 7.40
CA GLY A 198 -6.84 14.41 6.56
C GLY A 198 -8.18 14.72 5.93
N PHE A 199 -9.07 13.73 5.90
CA PHE A 199 -10.42 13.86 5.30
C PHE A 199 -11.56 13.96 6.32
N PRO A 200 -12.59 14.78 6.03
CA PRO A 200 -13.74 14.90 6.92
C PRO A 200 -14.46 13.57 7.11
N ALA A 201 -15.12 13.39 8.25
CA ALA A 201 -15.72 12.12 8.64
C ALA A 201 -16.78 11.58 7.66
N ASP A 202 -17.48 12.47 6.96
CA ASP A 202 -18.51 12.09 5.98
C ASP A 202 -17.98 11.62 4.60
N TRP A 203 -16.66 11.69 4.43
CA TRP A 203 -15.96 11.06 3.31
C TRP A 203 -15.57 9.65 3.71
N LYS A 204 -15.86 8.66 2.85
CA LYS A 204 -15.40 7.28 3.07
C LYS A 204 -13.92 7.12 2.68
N VAL A 205 -13.17 6.38 3.50
CA VAL A 205 -11.75 6.11 3.24
C VAL A 205 -11.43 4.61 3.36
N ILE A 206 -10.85 4.04 2.31
CA ILE A 206 -10.28 2.68 2.35
C ILE A 206 -8.78 2.83 2.06
N ASP A 207 -7.93 2.05 2.72
CA ASP A 207 -6.49 2.25 2.56
C ASP A 207 -5.59 1.05 2.91
N LYS A 208 -4.35 1.14 2.44
CA LYS A 208 -3.25 0.25 2.84
C LYS A 208 -2.02 1.12 3.16
N THR A 209 -1.47 0.92 4.35
CA THR A 209 -0.33 1.69 4.85
C THR A 209 0.98 0.97 4.58
N GLY A 210 2.09 1.70 4.70
CA GLY A 210 3.43 1.10 4.69
C GLY A 210 4.35 1.89 5.61
N THR A 211 5.21 1.17 6.32
CA THR A 211 6.18 1.78 7.24
C THR A 211 7.50 1.00 7.12
N GLY A 212 8.63 1.69 7.17
CA GLY A 212 9.92 1.04 7.01
C GLY A 212 11.05 1.84 7.62
N ASP A 213 12.28 1.38 7.37
CA ASP A 213 13.48 2.05 7.84
C ASP A 213 13.70 3.35 7.08
N TYR A 214 14.64 4.16 7.55
CA TYR A 214 14.90 5.50 6.99
C TYR A 214 13.68 6.45 7.04
N GLY A 215 12.87 6.29 8.08
CA GLY A 215 11.71 7.18 8.32
C GLY A 215 10.58 7.02 7.32
N ARG A 216 10.48 5.84 6.71
CA ARG A 216 9.51 5.55 5.65
C ARG A 216 8.10 5.38 6.20
N ALA A 217 7.16 6.11 5.60
CA ALA A 217 5.77 6.08 5.99
C ALA A 217 4.93 6.37 4.75
N ASN A 218 4.13 5.39 4.34
CA ASN A 218 3.28 5.50 3.14
C ASN A 218 1.80 5.25 3.46
N ASP A 219 0.94 5.74 2.59
CA ASP A 219 -0.48 5.42 2.62
C ASP A 219 -1.06 5.57 1.21
N ILE A 220 -1.72 4.51 0.75
CA ILE A 220 -2.46 4.53 -0.51
C ILE A 220 -3.93 4.33 -0.18
N ALA A 221 -4.78 5.18 -0.74
CA ALA A 221 -6.22 5.14 -0.44
C ALA A 221 -7.11 5.35 -1.67
N VAL A 222 -8.36 4.89 -1.55
CA VAL A 222 -9.45 5.40 -2.37
C VAL A 222 -10.40 6.10 -1.40
N VAL A 223 -10.82 7.31 -1.76
CA VAL A 223 -11.77 8.06 -0.95
C VAL A 223 -13.02 8.40 -1.76
N TRP A 224 -14.16 8.48 -1.05
CA TRP A 224 -15.43 8.86 -1.64
C TRP A 224 -16.02 10.06 -0.93
N SER A 225 -16.36 11.10 -1.71
CA SER A 225 -17.09 12.25 -1.19
C SER A 225 -18.46 11.82 -0.65
N PRO A 226 -19.10 12.68 0.17
CA PRO A 226 -20.48 12.43 0.63
C PRO A 226 -21.47 12.13 -0.52
N THR A 227 -21.13 12.53 -1.75
CA THR A 227 -21.99 12.29 -2.91
C THR A 227 -21.54 11.19 -3.86
N GLY A 228 -20.57 10.39 -3.42
CA GLY A 228 -20.18 9.20 -4.16
C GLY A 228 -19.24 9.45 -5.32
N VAL A 229 -18.45 10.52 -5.23
CA VAL A 229 -17.39 10.78 -6.20
C VAL A 229 -16.09 10.22 -5.62
N PRO A 230 -15.50 9.21 -6.29
CA PRO A 230 -14.27 8.60 -5.82
C PRO A 230 -13.00 9.31 -6.30
N TYR A 231 -11.94 9.20 -5.49
CA TYR A 231 -10.61 9.74 -5.80
C TYR A 231 -9.57 8.77 -5.26
N VAL A 232 -8.47 8.60 -5.98
CA VAL A 232 -7.36 7.79 -5.51
C VAL A 232 -6.29 8.73 -4.96
N VAL A 233 -5.77 8.43 -3.77
CA VAL A 233 -4.78 9.28 -3.09
C VAL A 233 -3.55 8.43 -2.70
N ALA A 234 -2.39 8.77 -3.24
CA ALA A 234 -1.13 8.10 -2.85
C ALA A 234 -0.20 9.11 -2.18
N VAL A 235 0.22 8.79 -0.96
CA VAL A 235 1.15 9.62 -0.20
C VAL A 235 2.32 8.75 0.29
N MET A 236 3.54 9.16 -0.07
CA MET A 236 4.75 8.42 0.30
C MET A 236 5.79 9.37 0.88
N SER A 237 6.55 8.90 1.87
CA SER A 237 7.61 9.71 2.46
C SER A 237 8.74 8.88 3.02
N ASP A 238 9.92 9.48 3.08
CA ASP A 238 11.04 8.93 3.84
C ASP A 238 11.83 10.09 4.44
N ARG A 239 12.70 9.78 5.41
CA ARG A 239 13.49 10.80 6.10
C ARG A 239 14.96 10.38 6.13
N ALA A 240 15.56 10.22 4.94
CA ALA A 240 16.92 9.69 4.79
C ALA A 240 17.99 10.44 5.57
N GLY A 241 17.72 11.72 5.87
CA GLY A 241 18.60 12.54 6.68
C GLY A 241 18.80 12.09 8.12
N GLY A 242 17.87 11.28 8.64
CA GLY A 242 18.00 10.70 9.98
C GLY A 242 18.70 9.34 10.05
N GLY A 243 19.05 8.78 8.90
CA GLY A 243 19.69 7.47 8.86
C GLY A 243 18.66 6.34 8.90
N TYR A 244 19.17 5.11 9.02
CA TYR A 244 18.38 3.88 9.07
C TYR A 244 17.30 3.88 10.16
N ASP A 245 17.63 4.49 11.30
CA ASP A 245 16.76 4.53 12.48
C ASP A 245 15.85 5.77 12.55
N ALA A 246 15.86 6.60 11.52
CA ALA A 246 14.96 7.75 11.45
C ALA A 246 13.51 7.32 11.76
N GLU A 247 12.87 8.02 12.69
CA GLU A 247 11.47 7.74 13.04
C GLU A 247 10.54 8.09 11.89
N PRO A 248 9.64 7.16 11.50
CA PRO A 248 8.61 7.49 10.52
C PRO A 248 7.64 8.50 11.14
N ARG A 249 7.08 9.38 10.32
CA ARG A 249 6.21 10.44 10.86
C ARG A 249 4.82 10.48 10.22
N GLU A 250 3.87 9.81 10.88
CA GLU A 250 2.49 9.71 10.40
C GLU A 250 1.86 11.08 10.15
N ALA A 251 2.21 12.03 11.01
CA ALA A 251 1.63 13.37 10.99
C ALA A 251 1.87 14.11 9.67
N LEU A 252 2.98 13.81 9.01
CA LEU A 252 3.28 14.33 7.67
C LEU A 252 2.24 13.91 6.65
N LEU A 253 1.84 12.64 6.70
CA LEU A 253 0.83 12.11 5.77
C LEU A 253 -0.53 12.69 6.08
N ALA A 254 -0.84 12.87 7.36
CA ALA A 254 -2.13 13.45 7.78
C ALA A 254 -2.23 14.91 7.33
N GLU A 255 -1.15 15.66 7.50
CA GLU A 255 -1.08 17.03 7.02
C GLU A 255 -1.15 17.13 5.49
N ALA A 256 -0.40 16.29 4.79
CA ALA A 256 -0.44 16.23 3.32
C ALA A 256 -1.84 15.89 2.80
N ALA A 257 -2.47 14.89 3.41
CA ALA A 257 -3.86 14.52 3.08
C ALA A 257 -4.86 15.66 3.35
N THR A 258 -4.63 16.46 4.40
CA THR A 258 -5.50 17.58 4.73
C THR A 258 -5.46 18.62 3.61
N CYS A 259 -4.25 18.87 3.08
CA CYS A 259 -4.06 19.76 1.93
C CYS A 259 -4.73 19.24 0.66
N VAL A 260 -4.63 17.94 0.43
CA VAL A 260 -5.33 17.27 -0.66
C VAL A 260 -6.86 17.40 -0.50
N ALA A 261 -7.36 17.10 0.70
CA ALA A 261 -8.81 17.14 1.00
C ALA A 261 -9.41 18.52 0.79
N GLY A 262 -8.67 19.56 1.19
CA GLY A 262 -9.05 20.95 0.96
C GLY A 262 -9.29 21.30 -0.51
N VAL A 263 -8.47 20.73 -1.40
CA VAL A 263 -8.59 20.95 -2.84
C VAL A 263 -9.80 20.20 -3.43
N LEU A 264 -10.04 18.99 -2.93
CA LEU A 264 -11.07 18.12 -3.48
C LEU A 264 -12.47 18.41 -2.93
N ALA A 265 -12.55 19.20 -1.86
CA ALA A 265 -13.83 19.54 -1.23
C ALA A 265 -14.56 20.69 -1.92
P PO4 B . 13.33 -3.50 10.36
O1 PO4 B . 14.04 -2.39 11.12
O2 PO4 B . 11.84 -3.28 10.47
O3 PO4 B . 13.74 -3.50 8.90
O4 PO4 B . 13.74 -4.82 10.96
P PO4 C . 16.51 -14.25 5.68
O1 PO4 C . 15.37 -13.32 5.33
O2 PO4 C . 17.61 -14.11 4.66
O3 PO4 C . 17.06 -13.89 7.04
O4 PO4 C . 16.01 -15.69 5.67
CAA DRW D . 6.75 -5.36 8.60
CAB DRW D . 6.19 -2.09 9.84
NAC DRW D . 4.86 2.76 16.57
OAD DRW D . 5.18 -1.54 5.80
OAE DRW D . 1.79 -0.58 7.38
OAF DRW D . 2.46 2.88 15.60
OAG DRW D . 2.83 2.80 17.98
OAH DRW D . 1.93 0.44 9.14
OAI DRW D . 5.40 -5.76 6.77
CAJ DRW D . 4.88 -2.84 6.19
CAK DRW D . 1.22 -0.71 12.70
CAL DRW D . 3.75 0.24 15.22
CAM DRW D . 3.35 -1.47 13.44
NAN DRW D . 3.33 -2.58 8.20
NAO DRW D . 1.96 0.27 13.45
NAP DRW D . 3.21 0.69 16.54
SAQ DRW D . 2.36 -2.76 11.20
CAR DRW D . 2.17 -0.48 8.47
CAS DRW D . 3.11 -1.56 8.94
CAT DRW D . 6.20 -4.78 7.34
CAU DRW D . 4.87 -2.75 9.97
CAV DRW D . 2.73 -0.54 14.38
CAW DRW D . 2.11 -1.92 12.75
CAX DRW D . 5.47 -3.43 7.52
CAY DRW D . 4.41 -3.38 8.64
CAZ DRW D . 3.69 -1.81 10.36
SBA DRW D . 3.33 2.29 16.69
#